data_4EKG
#
_entry.id   4EKG
#
_cell.length_a   157.600
_cell.length_b   157.600
_cell.length_c   49.150
_cell.angle_alpha   90.00
_cell.angle_beta   90.00
_cell.angle_gamma   120.00
#
_symmetry.space_group_name_H-M   'P 65'
#
loop_
_entity.id
_entity.type
_entity.pdbx_description
1 polymer 'Histone-lysine N-methyltransferase, H3 lysine-79 specific'
2 non-polymer "5'-[(3-{[(4-tert-butylphenyl)carbamoyl]amino}propyl)(methyl)amino]-5'-deoxyadenosine"
3 water water
#
_entity_poly.entity_id   1
_entity_poly.type   'polypeptide(L)'
_entity_poly.pdbx_seq_one_letter_code
;HHHHHHSSGMGEKLELRLKSPVGAEPAVYPWPLPVYDKHHDAAHEIIETIRWVCEEIPDLKLAMENYVLIDYDTKSFESM
QRLCDKYNRAIDSIHQLWKGTTQPMKLNTRPSTGLLRHILQQVYNHSVTDPEKLNNYEPFSPEVYGETSFDLVAQMIDEI
KMTDDDLFVDLGSGVGQVVLQVAAATNCKHHYGVEKADIPAKYAETMDREFRKWMKWYGKKHAEYTLERGDFLSEEWRER
IANTSVIFVNNFAFGPEVDHQLKERFANMKEGGRIVSSKPFAPLNFRINSRNLSDIGTIMRVVELSPLKGSVSWTGKPVS
YYLHTIDRTILENYFSSLKNPKLREEQEAARRRQQRESKSNAATPTKGPEGKVAGPADAPMDSGAEEEKAGAATVKKPSP
SKARKKKLNKKGRKMAGRKRGRPKK
;
_entity_poly.pdbx_strand_id   A
#
loop_
_chem_comp.id
_chem_comp.type
_chem_comp.name
_chem_comp.formula
0QJ non-polymer 5'-[(3-{[(4-tert-butylphenyl)carbamoyl]amino}propyl)(methyl)amino]-5'-deoxyadenosine 'C25 H36 N8 O4'
#
# COMPACT_ATOMS: atom_id res chain seq x y z
N LEU A 14 10.86 -11.91 -31.34
CA LEU A 14 10.16 -13.02 -30.63
C LEU A 14 9.54 -12.49 -29.32
N GLU A 15 8.28 -12.86 -29.04
CA GLU A 15 7.44 -12.13 -28.09
C GLU A 15 6.23 -12.91 -27.60
N LEU A 16 5.71 -12.47 -26.45
CA LEU A 16 4.37 -12.83 -26.02
C LEU A 16 3.68 -11.53 -25.63
N ARG A 17 2.39 -11.43 -25.91
CA ARG A 17 1.64 -10.20 -25.64
C ARG A 17 0.29 -10.51 -25.00
N LEU A 18 -0.12 -9.68 -24.04
CA LEU A 18 -1.44 -9.83 -23.42
C LEU A 18 -2.33 -8.63 -23.66
N LYS A 19 -3.51 -8.88 -24.19
CA LYS A 19 -4.46 -7.81 -24.43
C LYS A 19 -5.12 -7.37 -23.15
N SER A 20 -5.23 -6.05 -22.98
CA SER A 20 -5.94 -5.46 -21.87
C SER A 20 -7.44 -5.76 -21.96
N PRO A 21 -8.08 -6.12 -20.84
CA PRO A 21 -9.54 -6.35 -20.92
C PRO A 21 -10.34 -5.09 -21.19
N VAL A 22 -9.71 -3.93 -21.17
CA VAL A 22 -10.47 -2.68 -21.43
C VAL A 22 -9.85 -1.81 -22.54
N GLY A 23 -9.10 -2.42 -23.44
CA GLY A 23 -8.61 -1.72 -24.61
C GLY A 23 -7.34 -0.89 -24.47
N ALA A 24 -6.66 -1.01 -23.35
CA ALA A 24 -5.40 -0.31 -23.18
C ALA A 24 -4.30 -0.99 -24.02
N GLU A 25 -3.17 -0.31 -24.18
CA GLU A 25 -2.05 -0.89 -24.93
C GLU A 25 -1.70 -2.27 -24.36
N PRO A 26 -1.55 -3.28 -25.24
CA PRO A 26 -1.21 -4.61 -24.72
C PRO A 26 0.07 -4.60 -23.89
N ALA A 27 0.24 -5.63 -23.07
CA ALA A 27 1.47 -5.85 -22.31
C ALA A 27 2.35 -6.78 -23.13
N VAL A 28 3.61 -6.39 -23.29
CA VAL A 28 4.54 -7.10 -24.18
C VAL A 28 5.76 -7.64 -23.43
N TYR A 29 5.96 -8.97 -23.48
CA TYR A 29 7.12 -9.64 -22.87
C TYR A 29 8.08 -10.28 -23.89
N PRO A 30 9.40 -10.02 -23.78
CA PRO A 30 10.44 -10.70 -24.58
C PRO A 30 10.53 -12.20 -24.28
N TRP A 31 11.07 -12.99 -25.20
CA TRP A 31 11.37 -14.40 -24.94
C TRP A 31 12.79 -14.79 -25.26
N PRO A 32 13.50 -15.45 -24.31
CA PRO A 32 13.03 -16.03 -23.05
C PRO A 32 12.64 -14.97 -22.01
N LEU A 33 11.63 -15.33 -21.21
CA LEU A 33 11.04 -14.46 -20.19
C LEU A 33 12.01 -14.26 -19.01
N PRO A 34 12.20 -12.99 -18.57
CA PRO A 34 13.12 -12.70 -17.45
C PRO A 34 12.71 -13.31 -16.11
N VAL A 35 13.71 -13.55 -15.28
CA VAL A 35 13.52 -13.96 -13.89
C VAL A 35 13.84 -12.74 -13.00
N TYR A 36 13.00 -12.51 -11.99
CA TYR A 36 13.09 -11.28 -11.16
C TYR A 36 13.96 -11.50 -9.91
N ASP A 37 13.68 -12.60 -9.20
CA ASP A 37 14.42 -13.06 -8.03
C ASP A 37 14.16 -14.54 -7.82
N LYS A 38 14.69 -15.06 -6.73
CA LYS A 38 14.66 -16.49 -6.47
C LYS A 38 13.25 -17.06 -6.48
N HIS A 39 12.25 -16.21 -6.30
CA HIS A 39 10.87 -16.66 -6.10
C HIS A 39 9.84 -16.08 -7.03
N HIS A 40 10.28 -15.26 -7.99
CA HIS A 40 9.38 -14.62 -8.94
C HIS A 40 9.98 -14.54 -10.33
N ASP A 41 9.17 -14.88 -11.33
CA ASP A 41 9.56 -14.69 -12.74
C ASP A 41 8.39 -14.22 -13.63
N ALA A 42 8.72 -13.85 -14.88
CA ALA A 42 7.69 -13.35 -15.81
C ALA A 42 6.68 -14.43 -16.29
N ALA A 43 7.13 -15.66 -16.47
CA ALA A 43 6.18 -16.75 -16.75
C ALA A 43 4.98 -16.67 -15.81
N HIS A 44 5.25 -16.63 -14.50
CA HIS A 44 4.19 -16.74 -13.52
C HIS A 44 3.42 -15.48 -13.39
N GLU A 45 4.09 -14.35 -13.58
CA GLU A 45 3.37 -13.08 -13.76
C GLU A 45 2.27 -13.20 -14.85
N ILE A 46 2.64 -13.77 -16.01
CA ILE A 46 1.70 -14.01 -17.09
C ILE A 46 0.56 -14.91 -16.66
N ILE A 47 0.87 -16.07 -16.08
CA ILE A 47 -0.20 -16.98 -15.65
C ILE A 47 -1.16 -16.34 -14.66
N GLU A 48 -0.62 -15.63 -13.67
CA GLU A 48 -1.45 -15.05 -12.63
C GLU A 48 -2.36 -13.95 -13.18
N THR A 49 -1.77 -13.04 -13.96
CA THR A 49 -2.49 -11.95 -14.65
C THR A 49 -3.73 -12.45 -15.42
N ILE A 50 -3.56 -13.50 -16.22
CA ILE A 50 -4.69 -14.14 -16.91
C ILE A 50 -5.77 -14.58 -15.92
N ARG A 51 -5.37 -15.16 -14.79
CA ARG A 51 -6.36 -15.66 -13.80
C ARG A 51 -7.09 -14.56 -13.07
N TRP A 52 -6.42 -13.45 -12.76
CA TRP A 52 -7.13 -12.31 -12.15
C TRP A 52 -8.10 -11.67 -13.10
N VAL A 53 -7.71 -11.51 -14.37
CA VAL A 53 -8.66 -11.02 -15.36
C VAL A 53 -9.89 -11.94 -15.54
N CYS A 54 -9.72 -13.27 -15.47
CA CYS A 54 -10.91 -14.15 -15.39
C CYS A 54 -11.78 -13.86 -14.15
N GLU A 55 -11.17 -13.41 -13.06
CA GLU A 55 -11.95 -13.06 -11.85
C GLU A 55 -12.72 -11.77 -12.03
N GLU A 56 -12.17 -10.82 -12.78
CA GLU A 56 -12.91 -9.60 -13.11
C GLU A 56 -14.13 -9.90 -13.96
N ILE A 57 -13.99 -10.80 -14.94
CA ILE A 57 -14.98 -10.98 -16.00
C ILE A 57 -15.50 -12.42 -16.03
N PRO A 58 -16.61 -12.67 -15.30
CA PRO A 58 -17.21 -14.02 -15.23
C PRO A 58 -17.38 -14.73 -16.58
N ASP A 59 -17.77 -14.00 -17.63
CA ASP A 59 -17.89 -14.60 -18.96
C ASP A 59 -16.55 -15.16 -19.48
N LEU A 60 -15.46 -14.43 -19.21
CA LEU A 60 -14.14 -14.91 -19.62
C LEU A 60 -13.78 -16.20 -18.89
N LYS A 61 -14.25 -16.33 -17.65
CA LYS A 61 -13.95 -17.52 -16.88
C LYS A 61 -14.53 -18.70 -17.64
N LEU A 62 -15.79 -18.57 -18.04
CA LEU A 62 -16.49 -19.62 -18.80
C LEU A 62 -15.72 -20.00 -20.07
N ALA A 63 -15.43 -19.01 -20.91
CA ALA A 63 -14.72 -19.26 -22.18
C ALA A 63 -13.33 -19.87 -21.98
N MET A 64 -12.70 -19.55 -20.86
CA MET A 64 -11.31 -19.92 -20.60
C MET A 64 -11.22 -21.23 -19.83
N GLU A 65 -12.36 -21.73 -19.36
CA GLU A 65 -12.49 -22.94 -18.54
C GLU A 65 -11.36 -23.99 -18.62
N ASN A 66 -10.59 -23.96 -19.70
CA ASN A 66 -9.55 -24.95 -19.95
C ASN A 66 -8.11 -24.43 -19.67
N TYR A 67 -7.48 -25.07 -18.69
CA TYR A 67 -6.12 -24.75 -18.22
C TYR A 67 -5.57 -25.91 -17.37
N ASP A 71 -1.85 -27.04 -15.57
CA ASP A 71 -0.45 -26.64 -15.54
C ASP A 71 0.12 -26.47 -16.95
N TYR A 72 1.18 -25.66 -17.06
CA TYR A 72 1.76 -25.33 -18.35
C TYR A 72 3.27 -25.43 -18.34
N ASP A 73 3.84 -25.69 -19.52
CA ASP A 73 5.28 -25.71 -19.69
C ASP A 73 5.73 -24.27 -19.90
N THR A 74 6.12 -23.65 -18.79
CA THR A 74 6.56 -22.26 -18.78
C THR A 74 7.91 -22.11 -19.49
N LYS A 75 8.54 -23.24 -19.79
CA LYS A 75 9.81 -23.22 -20.52
C LYS A 75 9.60 -23.32 -22.02
N SER A 76 8.48 -23.94 -22.42
CA SER A 76 8.11 -24.09 -23.83
C SER A 76 7.42 -22.86 -24.41
N PHE A 77 8.06 -22.23 -25.40
CA PHE A 77 7.51 -21.04 -26.04
C PHE A 77 6.10 -21.28 -26.56
N GLU A 78 5.90 -22.39 -27.25
CA GLU A 78 4.61 -22.67 -27.89
C GLU A 78 3.52 -23.16 -26.92
N SER A 79 3.93 -23.71 -25.79
CA SER A 79 2.96 -24.05 -24.73
C SER A 79 2.45 -22.79 -24.03
N MET A 80 3.36 -21.80 -23.95
CA MET A 80 3.05 -20.47 -23.44
C MET A 80 2.26 -19.65 -24.47
N GLN A 81 2.73 -19.63 -25.73
CA GLN A 81 2.03 -18.90 -26.81
C GLN A 81 0.59 -19.39 -27.04
N ARG A 82 0.36 -20.69 -26.92
CA ARG A 82 -1.01 -21.21 -26.95
C ARG A 82 -1.89 -20.55 -25.90
N LEU A 83 -1.44 -20.53 -24.64
CA LEU A 83 -2.18 -19.90 -23.53
C LEU A 83 -2.45 -18.42 -23.79
N CYS A 84 -1.41 -17.71 -24.23
CA CYS A 84 -1.57 -16.30 -24.54
C CYS A 84 -2.61 -16.13 -25.63
N ASP A 85 -2.46 -16.89 -26.73
CA ASP A 85 -3.36 -16.78 -27.87
C ASP A 85 -4.79 -17.10 -27.51
N LYS A 86 -4.99 -18.20 -26.78
CA LYS A 86 -6.34 -18.55 -26.33
C LYS A 86 -6.93 -17.42 -25.46
N TYR A 87 -6.07 -16.78 -24.66
CA TYR A 87 -6.50 -15.65 -23.84
C TYR A 87 -6.87 -14.41 -24.69
N ASN A 88 -5.97 -13.98 -25.57
CA ASN A 88 -6.24 -12.85 -26.47
C ASN A 88 -7.54 -12.98 -27.34
N ARG A 89 -7.77 -14.18 -27.87
CA ARG A 89 -8.95 -14.43 -28.70
C ARG A 89 -10.24 -14.44 -27.90
N ALA A 90 -10.17 -14.91 -26.65
CA ALA A 90 -11.34 -14.84 -25.77
C ALA A 90 -11.66 -13.37 -25.39
N ILE A 91 -10.62 -12.52 -25.31
CA ILE A 91 -10.80 -11.09 -25.05
C ILE A 91 -11.55 -10.43 -26.19
N ASP A 92 -11.14 -10.75 -27.43
CA ASP A 92 -11.86 -10.32 -28.66
C ASP A 92 -13.31 -10.78 -28.59
N SER A 93 -13.52 -12.08 -28.43
CA SER A 93 -14.87 -12.55 -28.19
C SER A 93 -15.63 -11.69 -27.17
N ILE A 94 -14.98 -11.26 -26.09
CA ILE A 94 -15.69 -10.58 -25.01
C ILE A 94 -16.08 -9.17 -25.42
N HIS A 95 -15.14 -8.43 -26.00
CA HIS A 95 -15.45 -7.08 -26.48
C HIS A 95 -16.60 -7.06 -27.48
N GLN A 96 -16.67 -8.11 -28.31
CA GLN A 96 -17.80 -8.33 -29.20
C GLN A 96 -19.10 -8.49 -28.45
N LEU A 97 -19.09 -9.29 -27.39
CA LEU A 97 -20.27 -9.45 -26.55
C LEU A 97 -20.75 -8.12 -25.93
N TRP A 98 -19.84 -7.17 -25.76
CA TRP A 98 -20.22 -5.89 -25.18
C TRP A 98 -20.77 -4.95 -26.20
N LYS A 99 -20.61 -5.29 -27.47
CA LYS A 99 -21.20 -4.49 -28.55
C LYS A 99 -22.70 -4.79 -28.65
N GLY A 100 -23.08 -5.99 -28.22
CA GLY A 100 -24.48 -6.37 -28.12
C GLY A 100 -25.18 -5.78 -26.89
N THR A 101 -26.32 -6.37 -26.54
CA THR A 101 -27.15 -5.87 -25.45
C THR A 101 -26.45 -5.89 -24.09
N THR A 102 -25.56 -6.87 -23.90
CA THR A 102 -24.80 -7.04 -22.66
C THR A 102 -24.10 -5.74 -22.27
N GLN A 103 -24.02 -5.48 -20.97
CA GLN A 103 -23.39 -4.28 -20.43
C GLN A 103 -21.89 -4.53 -20.13
N PRO A 104 -21.03 -3.54 -20.46
CA PRO A 104 -19.59 -3.64 -20.20
C PRO A 104 -19.28 -3.83 -18.71
N MET A 105 -18.09 -4.38 -18.43
CA MET A 105 -17.61 -4.59 -17.07
C MET A 105 -17.74 -3.29 -16.26
N LYS A 106 -18.29 -3.41 -15.06
CA LYS A 106 -18.38 -2.28 -14.15
C LYS A 106 -17.00 -1.65 -14.09
N LEU A 107 -16.86 -0.48 -14.70
CA LEU A 107 -15.54 0.10 -14.96
C LEU A 107 -14.74 0.54 -13.72
N ASN A 108 -14.88 1.82 -13.35
CA ASN A 108 -14.03 2.43 -12.32
C ASN A 108 -14.38 2.07 -10.85
N THR A 109 -14.46 0.77 -10.58
CA THR A 109 -14.46 0.22 -9.22
C THR A 109 -13.03 0.13 -8.68
N ARG A 110 -12.91 -0.45 -7.48
CA ARG A 110 -11.62 -0.58 -6.82
C ARG A 110 -11.20 -2.04 -6.79
N PRO A 111 -9.88 -2.29 -6.80
CA PRO A 111 -9.50 -3.69 -6.88
C PRO A 111 -9.68 -4.40 -5.54
N SER A 112 -10.15 -5.65 -5.60
CA SER A 112 -10.10 -6.56 -4.47
C SER A 112 -8.67 -6.70 -3.93
N THR A 113 -8.53 -7.25 -2.73
CA THR A 113 -7.22 -7.32 -2.07
C THR A 113 -6.27 -8.23 -2.82
N GLY A 114 -6.75 -9.45 -3.09
CA GLY A 114 -6.04 -10.41 -3.94
C GLY A 114 -5.48 -9.77 -5.21
N LEU A 115 -6.31 -9.04 -5.95
CA LEU A 115 -5.82 -8.42 -7.18
C LEU A 115 -4.78 -7.34 -6.89
N LEU A 116 -5.09 -6.49 -5.91
CA LEU A 116 -4.16 -5.41 -5.48
C LEU A 116 -2.78 -5.97 -5.15
N ARG A 117 -2.77 -7.08 -4.39
CA ARG A 117 -1.51 -7.73 -4.06
C ARG A 117 -0.77 -8.16 -5.34
N HIS A 118 -1.49 -8.75 -6.30
CA HIS A 118 -0.84 -9.10 -7.60
C HIS A 118 -0.33 -7.86 -8.30
N ILE A 119 -1.18 -6.84 -8.44
CA ILE A 119 -0.74 -5.60 -9.08
C ILE A 119 0.55 -5.00 -8.49
N LEU A 120 0.60 -4.87 -7.15
CA LEU A 120 1.74 -4.23 -6.49
C LEU A 120 3.03 -5.05 -6.64
N GLN A 121 2.86 -6.39 -6.68
CA GLN A 121 3.95 -7.28 -7.02
C GLN A 121 4.50 -7.01 -8.44
N GLN A 122 3.58 -6.85 -9.39
CA GLN A 122 3.91 -6.59 -10.78
C GLN A 122 4.68 -5.28 -10.91
N VAL A 123 4.05 -4.19 -10.42
CA VAL A 123 4.65 -2.85 -10.41
C VAL A 123 6.08 -2.85 -9.83
N TYR A 124 6.24 -3.46 -8.65
CA TYR A 124 7.55 -3.51 -8.00
C TYR A 124 8.60 -4.14 -8.93
N ASN A 125 8.31 -5.36 -9.37
CA ASN A 125 9.19 -6.12 -10.27
C ASN A 125 9.51 -5.43 -11.59
N HIS A 126 8.58 -4.61 -12.09
CA HIS A 126 8.88 -3.84 -13.29
C HIS A 126 9.64 -2.56 -13.00
N SER A 127 9.75 -2.19 -11.72
CA SER A 127 10.34 -0.88 -11.36
C SER A 127 11.68 -0.99 -10.63
N VAL A 128 11.83 -2.01 -9.79
CA VAL A 128 13.04 -2.15 -8.99
C VAL A 128 13.87 -3.33 -9.52
N THR A 129 14.64 -3.04 -10.58
CA THR A 129 15.35 -4.05 -11.35
C THR A 129 16.62 -4.52 -10.65
N ASP A 130 17.23 -3.61 -9.91
CA ASP A 130 18.38 -3.94 -9.06
C ASP A 130 18.00 -3.81 -7.59
N PRO A 131 17.39 -4.86 -6.99
CA PRO A 131 17.01 -4.74 -5.58
C PRO A 131 18.21 -4.87 -4.66
N GLU A 132 19.41 -4.85 -5.25
CA GLU A 132 20.64 -4.98 -4.48
C GLU A 132 21.13 -3.62 -3.97
N LYS A 133 20.80 -2.57 -4.70
CA LYS A 133 21.09 -1.20 -4.31
C LYS A 133 20.23 -0.68 -3.15
N LEU A 134 19.37 -1.53 -2.58
CA LEU A 134 18.52 -1.14 -1.44
C LEU A 134 19.10 -1.61 -0.09
N ASN A 135 20.42 -1.57 0.02
CA ASN A 135 21.14 -1.92 1.26
C ASN A 135 22.10 -0.82 1.71
N SER A 141 21.26 -5.66 4.82
CA SER A 141 20.93 -6.91 5.53
C SER A 141 19.55 -6.94 6.23
N PRO A 142 19.09 -5.78 6.79
CA PRO A 142 17.87 -5.79 7.60
C PRO A 142 16.62 -5.20 6.92
N GLU A 143 15.47 -5.37 7.56
CA GLU A 143 14.21 -4.83 7.07
C GLU A 143 13.92 -3.41 7.55
N VAL A 144 14.20 -2.45 6.67
CA VAL A 144 14.02 -1.02 6.94
C VAL A 144 13.07 -0.32 5.95
N TYR A 145 12.78 -1.00 4.83
CA TYR A 145 11.90 -0.46 3.77
C TYR A 145 10.51 -1.11 3.76
N GLY A 146 10.35 -2.20 4.51
CA GLY A 146 9.08 -2.94 4.61
C GLY A 146 8.62 -3.63 3.34
N GLU A 147 9.28 -4.73 2.96
CA GLU A 147 9.03 -5.41 1.66
C GLU A 147 7.74 -6.25 1.56
N THR A 148 7.50 -7.11 2.56
CA THR A 148 6.28 -7.97 2.60
C THR A 148 5.26 -7.52 3.67
N SER A 149 5.15 -6.20 3.85
CA SER A 149 4.17 -5.66 4.77
C SER A 149 2.76 -5.55 4.17
N PHE A 150 2.54 -6.18 3.00
CA PHE A 150 1.23 -6.06 2.32
C PHE A 150 0.04 -6.46 3.18
N ASP A 151 0.05 -7.70 3.66
CA ASP A 151 -0.99 -8.21 4.55
C ASP A 151 -1.17 -7.35 5.80
N LEU A 152 -0.05 -6.94 6.40
CA LEU A 152 -0.07 -6.08 7.55
C LEU A 152 -0.82 -4.78 7.27
N VAL A 153 -0.39 -4.03 6.25
CA VAL A 153 -1.09 -2.80 5.87
C VAL A 153 -2.57 -3.13 5.61
N ALA A 154 -2.84 -4.32 5.06
CA ALA A 154 -4.19 -4.70 4.70
C ALA A 154 -5.04 -4.81 5.95
N GLN A 155 -4.55 -5.56 6.94
CA GLN A 155 -5.19 -5.63 8.26
C GLN A 155 -5.47 -4.23 8.82
N MET A 156 -4.44 -3.36 8.80
CA MET A 156 -4.59 -1.97 9.23
C MET A 156 -5.70 -1.24 8.49
N ILE A 157 -5.75 -1.39 7.18
CA ILE A 157 -6.80 -0.78 6.38
C ILE A 157 -8.20 -1.26 6.82
N ASP A 158 -8.29 -2.49 7.34
CA ASP A 158 -9.57 -3.02 7.82
C ASP A 158 -10.00 -2.43 9.15
N GLU A 159 -9.02 -2.15 10.01
CA GLU A 159 -9.31 -1.70 11.38
C GLU A 159 -9.55 -0.20 11.51
N ILE A 160 -8.72 0.59 10.85
CA ILE A 160 -8.79 2.02 10.97
C ILE A 160 -9.68 2.59 9.88
N LYS A 161 -10.99 2.54 10.06
CA LYS A 161 -11.92 3.07 9.04
C LYS A 161 -11.49 4.46 8.54
N MET A 162 -11.72 4.72 7.26
CA MET A 162 -11.33 5.98 6.65
C MET A 162 -12.46 6.43 5.72
N THR A 163 -12.65 7.74 5.60
CA THR A 163 -13.72 8.32 4.79
C THR A 163 -13.15 9.47 3.96
N ASP A 164 -13.96 10.03 3.07
CA ASP A 164 -13.54 11.14 2.20
C ASP A 164 -13.18 12.43 2.93
N ASP A 165 -13.42 12.45 4.24
CA ASP A 165 -13.02 13.57 5.11
C ASP A 165 -11.52 13.58 5.47
N ASP A 166 -10.87 12.43 5.35
CA ASP A 166 -9.53 12.22 5.89
C ASP A 166 -8.39 12.66 4.99
N LEU A 167 -7.24 12.90 5.60
CA LEU A 167 -5.97 12.95 4.88
C LEU A 167 -5.04 11.87 5.43
N PHE A 168 -4.32 11.21 4.52
CA PHE A 168 -3.37 10.17 4.89
C PHE A 168 -1.96 10.58 4.55
N VAL A 169 -1.01 10.24 5.43
CA VAL A 169 0.42 10.38 5.13
C VAL A 169 1.23 9.18 5.62
N ASP A 170 2.10 8.68 4.76
CA ASP A 170 3.13 7.75 5.20
C ASP A 170 4.43 8.55 5.33
N LEU A 171 5.02 8.53 6.55
CA LEU A 171 6.22 9.34 6.85
C LEU A 171 7.55 8.57 6.69
N GLY A 172 8.27 8.88 5.62
CA GLY A 172 9.40 8.07 5.17
C GLY A 172 8.83 6.97 4.29
N SER A 173 8.36 7.35 3.10
CA SER A 173 7.52 6.48 2.29
C SER A 173 8.27 5.46 1.42
N GLY A 174 9.60 5.53 1.41
CA GLY A 174 10.43 4.55 0.72
C GLY A 174 10.19 4.57 -0.78
N VAL A 175 10.01 3.39 -1.39
CA VAL A 175 9.76 3.36 -2.85
C VAL A 175 8.30 3.65 -3.17
N GLY A 176 7.42 3.65 -2.16
CA GLY A 176 6.06 4.19 -2.32
C GLY A 176 4.92 3.20 -2.17
N GLN A 177 5.27 1.96 -1.84
CA GLN A 177 4.31 0.88 -2.00
C GLN A 177 3.13 0.99 -1.03
N VAL A 178 3.38 1.49 0.18
CA VAL A 178 2.28 1.64 1.16
C VAL A 178 1.31 2.79 0.79
N VAL A 179 1.83 3.91 0.27
CA VAL A 179 0.95 4.94 -0.29
C VAL A 179 0.02 4.38 -1.40
N LEU A 180 0.61 3.68 -2.40
CA LEU A 180 -0.20 3.08 -3.47
C LEU A 180 -1.23 2.06 -2.96
N GLN A 181 -0.82 1.16 -2.06
CA GLN A 181 -1.81 0.24 -1.46
C GLN A 181 -3.01 0.98 -0.82
N VAL A 182 -2.73 2.04 -0.05
CA VAL A 182 -3.80 2.71 0.68
C VAL A 182 -4.69 3.52 -0.27
N ALA A 183 -4.07 4.31 -1.14
CA ALA A 183 -4.82 5.07 -2.15
C ALA A 183 -5.73 4.15 -2.97
N ALA A 184 -5.23 2.98 -3.37
CA ALA A 184 -6.04 1.99 -4.05
C ALA A 184 -7.22 1.49 -3.20
N ALA A 185 -6.99 1.22 -1.92
CA ALA A 185 -8.02 0.63 -1.04
C ALA A 185 -9.08 1.60 -0.49
N THR A 186 -8.70 2.85 -0.19
CA THR A 186 -9.60 3.78 0.53
C THR A 186 -10.04 4.95 -0.33
N ASN A 187 -10.86 5.81 0.25
CA ASN A 187 -11.33 7.02 -0.44
C ASN A 187 -11.02 8.36 0.25
N CYS A 188 -9.97 8.42 1.08
CA CYS A 188 -9.46 9.69 1.60
C CYS A 188 -9.38 10.72 0.47
N LYS A 189 -9.52 12.00 0.82
CA LYS A 189 -9.47 13.09 -0.15
C LYS A 189 -8.05 13.35 -0.71
N HIS A 190 -7.02 12.85 -0.03
CA HIS A 190 -5.65 12.85 -0.59
C HIS A 190 -4.69 11.96 0.18
N HIS A 191 -3.71 11.40 -0.53
CA HIS A 191 -2.74 10.46 0.06
C HIS A 191 -1.36 10.94 -0.21
N TYR A 192 -0.55 11.11 0.83
CA TYR A 192 0.81 11.63 0.64
C TYR A 192 1.88 10.66 1.08
N GLY A 193 2.98 10.66 0.34
CA GLY A 193 4.21 10.03 0.79
C GLY A 193 5.37 11.01 0.76
N VAL A 194 6.26 10.92 1.73
CA VAL A 194 7.43 11.81 1.81
C VAL A 194 8.69 10.99 2.07
N GLU A 195 9.71 11.24 1.25
CA GLU A 195 10.96 10.50 1.35
C GLU A 195 12.13 11.48 1.21
N LYS A 196 13.19 11.19 1.94
CA LYS A 196 14.35 12.08 2.08
C LYS A 196 15.51 11.61 1.20
N ALA A 197 15.78 10.30 1.22
CA ALA A 197 16.91 9.71 0.51
C ALA A 197 16.72 9.67 -1.01
N ASP A 198 17.79 9.99 -1.74
CA ASP A 198 17.72 10.20 -3.19
C ASP A 198 17.37 8.96 -4.00
N ILE A 199 17.99 7.82 -3.65
CA ILE A 199 17.73 6.56 -4.35
C ILE A 199 16.26 6.10 -4.33
N PRO A 200 15.65 5.92 -3.13
CA PRO A 200 14.28 5.42 -3.18
C PRO A 200 13.28 6.43 -3.76
N ALA A 201 13.59 7.72 -3.67
CA ALA A 201 12.72 8.74 -4.23
C ALA A 201 12.74 8.64 -5.75
N LYS A 202 13.93 8.33 -6.28
CA LYS A 202 14.12 8.02 -7.70
C LYS A 202 13.28 6.76 -8.10
N TYR A 203 13.47 5.63 -7.41
CA TYR A 203 12.63 4.47 -7.66
C TYR A 203 11.14 4.80 -7.57
N ALA A 204 10.75 5.62 -6.59
CA ALA A 204 9.35 5.96 -6.36
C ALA A 204 8.75 6.70 -7.55
N GLU A 205 9.57 7.43 -8.28
CA GLU A 205 9.12 8.08 -9.52
C GLU A 205 8.71 7.04 -10.56
N THR A 206 9.49 5.95 -10.67
CA THR A 206 9.17 4.85 -11.55
C THR A 206 7.94 4.07 -11.07
N MET A 207 7.90 3.77 -9.77
CA MET A 207 6.76 3.04 -9.18
C MET A 207 5.45 3.75 -9.50
N ASP A 208 5.44 5.08 -9.32
CA ASP A 208 4.27 5.91 -9.60
C ASP A 208 3.78 5.78 -11.05
N ARG A 209 4.73 5.78 -12.01
CA ARG A 209 4.43 5.56 -13.43
C ARG A 209 3.82 4.19 -13.65
N GLU A 210 4.59 3.14 -13.36
CA GLU A 210 4.13 1.77 -13.51
C GLU A 210 2.76 1.47 -12.90
N PHE A 211 2.46 2.08 -11.76
CA PHE A 211 1.22 1.84 -11.07
C PHE A 211 0.06 2.39 -11.88
N ARG A 212 0.22 3.60 -12.37
CA ARG A 212 -0.85 4.25 -13.14
C ARG A 212 -1.14 3.45 -14.41
N LYS A 213 -0.09 3.03 -15.10
CA LYS A 213 -0.21 2.22 -16.29
C LYS A 213 -0.97 0.90 -16.02
N TRP A 214 -0.50 0.08 -15.07
CA TRP A 214 -1.21 -1.18 -14.74
C TRP A 214 -2.63 -1.04 -14.25
N MET A 215 -2.92 0.04 -13.53
CA MET A 215 -4.26 0.24 -13.02
C MET A 215 -5.23 0.55 -14.16
N LYS A 216 -4.75 1.29 -15.16
CA LYS A 216 -5.50 1.52 -16.40
C LYS A 216 -5.69 0.21 -17.16
N TRP A 217 -4.60 -0.49 -17.38
CA TRP A 217 -4.64 -1.79 -18.03
C TRP A 217 -5.72 -2.70 -17.49
N TYR A 218 -5.87 -2.81 -16.16
CA TYR A 218 -6.91 -3.68 -15.58
C TYR A 218 -8.27 -2.97 -15.55
N GLY A 219 -8.27 -1.67 -15.83
CA GLY A 219 -9.50 -0.86 -15.76
C GLY A 219 -10.02 -0.66 -14.34
N LYS A 220 -9.12 -0.29 -13.43
CA LYS A 220 -9.46 -0.13 -12.02
C LYS A 220 -9.14 1.28 -11.50
N LYS A 221 -9.97 1.77 -10.59
CA LYS A 221 -9.88 3.14 -10.10
C LYS A 221 -9.05 3.29 -8.80
N HIS A 222 -8.43 4.46 -8.63
CA HIS A 222 -7.74 4.78 -7.39
C HIS A 222 -8.02 6.18 -6.89
N ALA A 223 -7.70 6.44 -5.63
CA ALA A 223 -7.81 7.78 -5.04
C ALA A 223 -6.62 8.65 -5.45
N GLU A 224 -6.71 9.97 -5.24
CA GLU A 224 -5.57 10.83 -5.50
C GLU A 224 -4.43 10.52 -4.52
N TYR A 225 -3.19 10.62 -4.98
CA TYR A 225 -2.01 10.36 -4.15
C TYR A 225 -0.82 11.08 -4.76
N THR A 226 0.15 11.47 -3.93
CA THR A 226 1.36 12.14 -4.42
C THR A 226 2.61 11.63 -3.72
N LEU A 227 3.65 11.35 -4.50
CA LEU A 227 4.92 10.95 -3.94
C LEU A 227 5.93 12.08 -4.03
N GLU A 228 6.20 12.69 -2.89
CA GLU A 228 7.04 13.89 -2.81
C GLU A 228 8.46 13.55 -2.41
N ARG A 229 9.34 14.52 -2.59
CA ARG A 229 10.68 14.49 -1.99
C ARG A 229 10.68 15.49 -0.80
N GLY A 230 11.36 15.17 0.30
CA GLY A 230 11.33 16.03 1.48
C GLY A 230 11.72 15.41 2.82
N ASP A 231 11.88 16.29 3.82
CA ASP A 231 12.17 15.89 5.20
C ASP A 231 10.96 16.22 6.06
N PHE A 232 10.42 15.22 6.75
CA PHE A 232 9.19 15.41 7.53
C PHE A 232 9.44 16.21 8.82
N LEU A 233 10.72 16.36 9.16
CA LEU A 233 11.16 17.19 10.28
C LEU A 233 11.39 18.66 9.88
N SER A 234 11.05 19.01 8.63
CA SER A 234 11.25 20.37 8.15
C SER A 234 10.10 21.29 8.56
N GLU A 235 10.32 22.60 8.37
CA GLU A 235 9.38 23.65 8.79
C GLU A 235 8.03 23.58 8.07
N GLU A 236 8.09 23.31 6.76
CA GLU A 236 6.92 23.12 5.93
C GLU A 236 6.07 21.96 6.50
N TRP A 237 6.73 20.88 6.89
CA TRP A 237 6.01 19.69 7.36
C TRP A 237 5.35 19.79 8.72
N ARG A 238 5.72 20.79 9.51
CA ARG A 238 5.06 21.03 10.80
C ARG A 238 3.54 21.19 10.66
N GLU A 239 3.09 22.18 9.90
CA GLU A 239 1.63 22.39 9.82
C GLU A 239 0.93 21.39 8.90
N ARG A 240 1.68 20.84 7.94
CA ARG A 240 1.22 19.69 7.20
C ARG A 240 0.84 18.54 8.15
N ILE A 241 1.76 18.14 9.04
CA ILE A 241 1.45 17.11 10.05
C ILE A 241 0.28 17.54 10.93
N ALA A 242 0.26 18.82 11.28
CA ALA A 242 -0.81 19.36 12.14
C ALA A 242 -2.19 19.13 11.55
N ASN A 243 -2.31 19.17 10.22
CA ASN A 243 -3.61 19.01 9.55
C ASN A 243 -3.94 17.64 8.97
N THR A 244 -3.01 16.70 9.07
CA THR A 244 -3.23 15.32 8.65
C THR A 244 -4.06 14.60 9.67
N SER A 245 -5.10 13.89 9.25
CA SER A 245 -5.92 13.09 10.20
C SER A 245 -5.48 11.63 10.40
N VAL A 246 -4.82 11.02 9.40
CA VAL A 246 -4.31 9.65 9.56
C VAL A 246 -2.82 9.56 9.18
N ILE A 247 -1.98 9.16 10.14
CA ILE A 247 -0.56 9.06 9.90
C ILE A 247 -0.07 7.63 10.12
N PHE A 248 0.61 7.10 9.10
CA PHE A 248 1.22 5.79 9.20
C PHE A 248 2.70 6.12 9.27
N VAL A 249 3.40 5.49 10.21
CA VAL A 249 4.85 5.69 10.39
C VAL A 249 5.57 4.44 10.93
N ASN A 250 6.41 3.86 10.09
CA ASN A 250 7.18 2.68 10.43
C ASN A 250 8.43 3.12 11.16
N ASN A 251 8.32 3.30 12.47
CA ASN A 251 9.35 3.98 13.23
C ASN A 251 10.36 3.05 13.96
N PHE A 252 10.31 1.77 13.64
CA PHE A 252 11.10 0.77 14.37
C PHE A 252 12.58 1.07 14.48
N ALA A 253 13.16 1.67 13.45
CA ALA A 253 14.62 1.89 13.40
C ALA A 253 15.00 3.38 13.46
N PHE A 254 14.09 4.21 13.97
CA PHE A 254 14.32 5.65 13.97
C PHE A 254 15.29 6.13 15.04
N GLY A 255 15.26 5.52 16.22
CA GLY A 255 16.09 5.94 17.36
C GLY A 255 15.49 7.09 18.16
N PRO A 256 15.88 7.23 19.44
CA PRO A 256 15.19 8.10 20.39
C PRO A 256 15.06 9.58 20.02
N GLU A 257 16.01 10.15 19.29
CA GLU A 257 15.94 11.60 19.05
C GLU A 257 14.85 11.98 18.08
N VAL A 258 14.72 11.23 16.98
CA VAL A 258 13.69 11.48 15.97
C VAL A 258 12.28 11.25 16.57
N ASP A 259 12.14 10.22 17.39
CA ASP A 259 10.86 9.97 18.06
C ASP A 259 10.41 11.23 18.79
N HIS A 260 11.32 11.80 19.58
CA HIS A 260 11.09 13.02 20.37
C HIS A 260 10.60 14.19 19.55
N GLN A 261 11.27 14.47 18.43
CA GLN A 261 10.81 15.52 17.52
C GLN A 261 9.40 15.29 16.96
N LEU A 262 9.07 14.04 16.61
CA LEU A 262 7.76 13.76 16.04
C LEU A 262 6.68 14.01 17.07
N LYS A 263 6.94 13.59 18.32
CA LYS A 263 6.04 13.82 19.44
C LYS A 263 5.62 15.29 19.52
N GLU A 264 6.58 16.20 19.37
CA GLU A 264 6.30 17.64 19.34
C GLU A 264 5.30 17.98 18.26
N ARG A 265 5.59 17.53 17.03
CA ARG A 265 4.72 17.79 15.89
C ARG A 265 3.35 17.18 16.05
N PHE A 266 3.26 16.04 16.75
CA PHE A 266 1.96 15.40 17.01
C PHE A 266 1.06 16.20 17.98
N ALA A 267 1.68 16.97 18.87
CA ALA A 267 0.96 17.81 19.85
C ALA A 267 0.01 18.82 19.19
N ASN A 268 0.40 19.31 18.02
CA ASN A 268 -0.45 20.23 17.24
C ASN A 268 -1.61 19.61 16.44
N MET A 269 -1.87 18.31 16.59
CA MET A 269 -2.89 17.65 15.76
C MET A 269 -4.30 17.94 16.24
N LYS A 270 -5.24 17.99 15.30
CA LYS A 270 -6.66 18.18 15.64
C LYS A 270 -7.20 17.01 16.42
N GLU A 271 -8.41 17.18 16.96
CA GLU A 271 -9.06 16.17 17.79
C GLU A 271 -9.49 15.04 16.86
N GLY A 272 -9.43 13.81 17.34
CA GLY A 272 -9.78 12.66 16.49
C GLY A 272 -8.63 12.06 15.68
N GLY A 273 -7.63 12.88 15.32
CA GLY A 273 -6.43 12.44 14.62
C GLY A 273 -5.86 11.08 15.07
N ARG A 274 -5.39 10.28 14.11
CA ARG A 274 -4.84 8.97 14.42
C ARG A 274 -3.41 8.79 13.97
N ILE A 275 -2.66 8.04 14.78
CA ILE A 275 -1.28 7.67 14.45
C ILE A 275 -1.11 6.16 14.69
N VAL A 276 -0.64 5.46 13.65
CA VAL A 276 -0.43 4.00 13.73
C VAL A 276 1.06 3.73 13.52
N SER A 277 1.69 3.00 14.45
CA SER A 277 3.15 2.85 14.36
C SER A 277 3.68 1.47 14.79
N SER A 278 4.97 1.23 14.55
CA SER A 278 5.59 0.02 15.04
C SER A 278 6.12 0.15 16.49
N LYS A 279 6.38 1.38 16.92
CA LYS A 279 6.82 1.65 18.30
C LYS A 279 5.90 2.70 18.91
N PRO A 280 5.48 2.53 20.18
CA PRO A 280 4.56 3.51 20.79
C PRO A 280 5.26 4.85 21.11
N PHE A 281 4.51 5.94 20.95
CA PHE A 281 4.99 7.28 21.30
C PHE A 281 4.60 7.74 22.72
N ALA A 282 3.75 6.94 23.38
CA ALA A 282 3.27 7.21 24.73
C ALA A 282 2.98 5.86 25.38
N PRO A 283 3.22 5.73 26.70
CA PRO A 283 2.99 4.44 27.38
C PRO A 283 1.52 3.94 27.35
N LEU A 284 1.36 2.62 27.46
CA LEU A 284 0.05 1.98 27.44
C LEU A 284 -0.61 2.14 28.79
N ASN A 285 0.13 1.81 29.85
CA ASN A 285 -0.25 2.09 31.23
C ASN A 285 0.00 3.55 31.57
N PHE A 286 -0.93 4.46 31.26
CA PHE A 286 -0.66 5.88 31.51
C PHE A 286 -1.73 6.62 32.29
N ARG A 287 -1.40 6.87 33.56
CA ARG A 287 -2.26 7.59 34.48
C ARG A 287 -1.66 8.98 34.66
N ILE A 288 -2.46 10.03 34.45
CA ILE A 288 -1.94 11.40 34.61
C ILE A 288 -1.73 11.75 36.08
N ASN A 289 -0.49 12.12 36.40
CA ASN A 289 -0.18 12.69 37.71
C ASN A 289 0.48 14.06 37.53
N SER A 290 0.92 14.66 38.63
CA SER A 290 1.38 16.05 38.61
C SER A 290 2.84 16.27 38.16
N ARG A 291 3.60 15.18 37.97
CA ARG A 291 4.97 15.26 37.46
C ARG A 291 5.09 14.99 35.94
N ASN A 292 3.97 14.61 35.32
CA ASN A 292 3.94 14.18 33.92
C ASN A 292 3.07 15.06 33.02
N LEU A 293 2.77 16.26 33.52
CA LEU A 293 1.73 17.13 32.93
C LEU A 293 2.02 17.63 31.50
N SER A 294 3.30 17.69 31.11
CA SER A 294 3.69 18.07 29.75
C SER A 294 3.95 16.87 28.81
N ASP A 295 3.63 15.66 29.26
CA ASP A 295 3.79 14.47 28.43
C ASP A 295 2.68 14.35 27.40
N ILE A 296 3.05 13.90 26.19
CA ILE A 296 2.10 13.56 25.12
C ILE A 296 1.01 12.56 25.58
N GLY A 297 1.38 11.58 26.39
CA GLY A 297 0.43 10.76 27.11
C GLY A 297 -0.89 11.42 27.51
N THR A 298 -0.84 12.69 27.90
CA THR A 298 -2.06 13.37 28.38
C THR A 298 -3.11 13.55 27.30
N ILE A 299 -2.67 13.68 26.04
CA ILE A 299 -3.60 14.03 24.95
C ILE A 299 -3.98 12.90 23.98
N MET A 300 -3.53 11.68 24.26
CA MET A 300 -3.84 10.57 23.37
C MET A 300 -4.20 9.24 24.03
N ARG A 301 -5.26 8.61 23.51
CA ARG A 301 -5.53 7.18 23.73
C ARG A 301 -4.54 6.29 22.94
N VAL A 302 -3.92 5.32 23.59
CA VAL A 302 -2.91 4.42 22.97
C VAL A 302 -3.24 2.91 23.12
N VAL A 303 -3.81 2.26 22.10
CA VAL A 303 -4.06 0.80 22.20
C VAL A 303 -3.01 -0.05 21.46
N GLU A 304 -2.85 -1.31 21.89
CA GLU A 304 -2.01 -2.29 21.18
C GLU A 304 -2.87 -3.15 20.27
N LEU A 305 -2.53 -3.17 18.99
CA LEU A 305 -3.30 -3.93 18.00
C LEU A 305 -2.82 -5.38 17.88
N SER A 306 -3.79 -6.29 17.69
CA SER A 306 -3.54 -7.71 17.40
C SER A 306 -2.64 -7.88 16.16
N PRO A 307 -1.51 -8.58 16.31
CA PRO A 307 -0.68 -8.90 15.13
C PRO A 307 -1.27 -10.07 14.30
N LEU A 308 -0.75 -10.28 13.09
CA LEU A 308 -1.17 -11.40 12.24
C LEU A 308 -0.41 -12.64 12.67
N LYS A 309 -1.13 -13.72 13.00
CA LYS A 309 -0.44 -14.99 13.26
C LYS A 309 0.55 -15.29 12.13
N GLY A 310 1.80 -15.53 12.50
CA GLY A 310 2.81 -15.97 11.55
C GLY A 310 3.81 -14.93 11.05
N SER A 311 3.48 -13.64 11.16
CA SER A 311 4.45 -12.59 10.83
C SER A 311 5.44 -12.37 11.97
N VAL A 312 6.72 -12.17 11.63
CA VAL A 312 7.76 -11.85 12.62
C VAL A 312 8.57 -10.60 12.29
N SER A 313 9.10 -9.96 13.33
CA SER A 313 9.96 -8.79 13.21
C SER A 313 11.38 -9.21 12.86
N TRP A 314 12.25 -8.24 12.64
CA TRP A 314 13.64 -8.49 12.28
C TRP A 314 14.42 -9.10 13.43
N THR A 315 13.80 -9.15 14.60
CA THR A 315 14.35 -9.80 15.78
C THR A 315 13.81 -11.21 15.94
N GLY A 316 13.32 -11.79 14.83
CA GLY A 316 12.65 -13.10 14.84
C GLY A 316 11.52 -13.19 15.84
N LYS A 317 10.83 -12.06 16.03
CA LYS A 317 9.90 -11.88 17.14
C LYS A 317 8.47 -11.59 16.67
N PRO A 318 7.46 -12.24 17.30
CA PRO A 318 6.09 -11.82 17.03
C PRO A 318 5.91 -10.32 17.21
N VAL A 319 5.40 -9.68 16.17
CA VAL A 319 5.27 -8.21 16.12
C VAL A 319 4.18 -7.64 17.04
N SER A 320 4.09 -6.31 17.06
CA SER A 320 3.10 -5.57 17.83
C SER A 320 3.02 -4.14 17.25
N TYR A 321 1.80 -3.58 17.22
CA TYR A 321 1.55 -2.30 16.55
C TYR A 321 0.56 -1.47 17.35
N TYR A 322 0.65 -0.15 17.20
CA TYR A 322 0.02 0.77 18.14
C TYR A 322 -0.85 1.80 17.46
N LEU A 323 -2.06 1.95 17.99
CA LEU A 323 -3.00 2.95 17.52
C LEU A 323 -3.16 4.10 18.56
N HIS A 324 -2.86 5.32 18.10
CA HIS A 324 -2.90 6.53 18.94
C HIS A 324 -4.00 7.41 18.44
N THR A 325 -4.95 7.75 19.30
CA THR A 325 -5.97 8.74 18.94
C THR A 325 -5.84 10.02 19.78
N ILE A 326 -5.74 11.16 19.11
CA ILE A 326 -5.80 12.47 19.77
C ILE A 326 -7.17 12.63 20.45
N ASP A 327 -7.19 12.57 21.77
CA ASP A 327 -8.40 12.80 22.54
C ASP A 327 -8.09 13.67 23.77
N ARG A 328 -8.35 14.97 23.65
CA ARG A 328 -7.98 15.91 24.71
C ARG A 328 -8.86 15.85 25.96
N THR A 329 -10.09 15.35 25.84
CA THR A 329 -10.98 15.20 27.00
C THR A 329 -10.37 14.39 28.15
N ILE A 330 -9.25 13.71 27.91
CA ILE A 330 -8.52 13.01 28.96
C ILE A 330 -7.98 14.06 29.91
N LEU A 331 -7.44 15.14 29.34
CA LEU A 331 -6.91 16.27 30.08
C LEU A 331 -8.02 17.03 30.85
N GLU A 332 -9.05 17.46 30.13
CA GLU A 332 -10.22 18.12 30.71
C GLU A 332 -10.72 17.42 31.97
N ASN A 333 -10.71 16.09 31.93
CA ASN A 333 -11.11 15.26 33.06
C ASN A 333 -10.23 15.44 34.30
N TYR A 334 -8.92 15.60 34.08
CA TYR A 334 -7.96 15.77 35.17
C TYR A 334 -8.10 17.16 35.82
N PHE A 335 -8.51 18.14 35.02
CA PHE A 335 -8.86 19.45 35.55
C PHE A 335 -10.33 19.46 35.97
N SER A 336 -10.69 18.46 36.77
CA SER A 336 -12.00 18.33 37.40
C SER A 336 -11.79 17.40 38.59
N SER A 337 -10.96 16.40 38.38
CA SER A 337 -10.48 15.54 39.47
C SER A 337 -9.69 16.36 40.50
N LEU A 338 -9.31 17.58 40.13
CA LEU A 338 -8.65 18.50 41.04
C LEU A 338 -9.65 19.53 41.61
N LYS A 339 -10.70 19.79 40.84
CA LYS A 339 -11.83 20.64 41.24
C LYS A 339 -12.87 19.83 42.03
N ASN A 340 -12.40 18.81 42.76
CA ASN A 340 -13.23 17.79 43.41
C ASN A 340 -13.09 17.81 44.92
C2 0QJ B . 11.94 11.74 5.16
C4 0QJ B . 12.89 9.76 6.11
C5 0QJ B . 13.21 10.43 7.22
C6 0QJ B . 12.92 11.74 7.31
C8 0QJ B . 13.87 8.38 7.46
CBA 0QJ B . 2.74 0.38 11.43
CAZ 0QJ B . 2.34 -0.13 10.07
CBB 0QJ B . 0.86 0.18 9.85
CBC 0QJ B . 2.49 -1.64 10.06
CAY 0QJ B . 3.08 0.48 9.02
CBD 0QJ B . 3.75 -0.29 8.04
CBE 0QJ B . 4.47 0.34 7.01
CAX 0QJ B . 3.12 1.89 8.92
CAW 0QJ B . 3.83 2.50 7.88
CAV 0QJ B . 4.51 1.73 6.92
NAU 0QJ B . 5.15 2.40 5.92
CAT 0QJ B . 6.26 1.89 5.35
OBF 0QJ B . 6.79 0.85 5.75
NAS 0QJ B . 6.77 2.60 4.33
CAR 0QJ B . 8.02 2.25 3.63
CAQ 0QJ B . 9.08 2.08 4.74
CAP 0QJ B . 10.21 3.09 4.59
NAN 0QJ B . 10.37 4.02 5.75
CAO 0QJ B . 9.78 3.60 7.03
CAM 0QJ B . 11.78 4.33 5.94
CAL 0QJ B . 12.13 5.49 4.99
OBG 0QJ B . 12.14 6.66 5.80
CAJ 0QJ B . 13.53 5.36 4.42
OAK 0QJ B . 13.43 5.40 2.99
CAH 0QJ B . 14.25 6.63 4.94
OAI 0QJ B . 15.11 7.20 3.93
CAG 0QJ B . 13.08 7.52 5.19
N9 0QJ B . 13.31 8.51 6.27
N7 0QJ B . 13.81 9.57 8.05
N3 0QJ B . 12.27 10.37 5.07
N1 0QJ B . 12.30 12.40 6.33
N6 0QJ B . 13.26 12.35 8.44
#